data_8KC8
#
_entry.id   8KC8
#
_cell.length_a   150.212
_cell.length_b   150.212
_cell.length_c   150.212
_cell.angle_alpha   90.000
_cell.angle_beta   90.000
_cell.angle_gamma   90.000
#
_symmetry.space_group_name_H-M   'I 41 3 2'
#
_entity_poly.entity_id   1
_entity_poly.type   'polypeptide(L)'
_entity_poly.pdbx_seq_one_letter_code
;GVGLHFRGAEPWEEKIRAAAELGVTTVRLDATGPIEETVARIRAAAEAGITNLVLEPGPLALDELKAYRDAAPDTFLTVH
IGDNPVLDDATIADIKAAGADAIGIPAKNIDDLIANLEKAKAAGLKVLVGLLPGPKELVEEKVRAAAAAGAAALLLDLSD
LEVAKAAIRVADEAGLPVLAGGGFDDVDSFVAAAEEIRALNPRATLLLEARGLATADIVAAMERALEHHHHHH
;
_entity_poly.pdbx_strand_id   A
#
# COMPACT_ATOMS: atom_id res chain seq x y z
N GLY A 1 7.72 39.49 -14.95
CA GLY A 1 8.44 39.18 -13.72
C GLY A 1 8.58 37.69 -13.50
N VAL A 2 9.80 37.27 -13.15
CA VAL A 2 10.12 35.87 -12.86
C VAL A 2 10.99 35.82 -11.62
N GLY A 3 10.76 34.82 -10.78
CA GLY A 3 11.48 34.68 -9.52
C GLY A 3 11.65 33.22 -9.15
N LEU A 4 12.32 33.01 -8.02
CA LEU A 4 12.62 31.68 -7.52
C LEU A 4 11.77 31.37 -6.30
N HIS A 5 11.29 30.14 -6.22
CA HIS A 5 10.58 29.64 -5.05
C HIS A 5 11.32 28.41 -4.53
N PHE A 6 11.80 28.48 -3.29
CA PHE A 6 12.45 27.35 -2.63
C PHE A 6 11.46 26.79 -1.62
N ARG A 7 10.61 25.88 -2.07
CA ARG A 7 9.53 25.38 -1.22
C ARG A 7 10.07 24.39 -0.20
N GLY A 8 9.53 24.48 1.02
CA GLY A 8 9.98 23.63 2.10
C GLY A 8 9.30 22.27 2.11
N ALA A 9 10.03 21.28 2.62
CA ALA A 9 9.48 19.93 2.76
C ALA A 9 8.40 19.93 3.84
N GLU A 10 7.17 19.64 3.44
CA GLU A 10 6.03 19.70 4.34
C GLU A 10 5.93 18.40 5.16
N PRO A 11 5.53 18.50 6.43
CA PRO A 11 5.39 17.29 7.25
C PRO A 11 4.34 16.35 6.68
N TRP A 12 4.60 15.05 6.79
CA TRP A 12 3.66 14.06 6.29
C TRP A 12 2.33 14.10 7.05
N GLU A 13 2.37 14.51 8.32
CA GLU A 13 1.16 14.59 9.13
C GLU A 13 0.16 15.56 8.54
N GLU A 14 0.63 16.72 8.07
CA GLU A 14 -0.28 17.68 7.45
C GLU A 14 -0.94 17.08 6.22
N LYS A 15 -0.18 16.37 5.39
CA LYS A 15 -0.74 15.76 4.20
C LYS A 15 -1.73 14.66 4.54
N ILE A 16 -1.41 13.85 5.57
CA ILE A 16 -2.32 12.79 5.98
C ILE A 16 -3.64 13.36 6.47
N ARG A 17 -3.57 14.39 7.32
CA ARG A 17 -4.80 14.98 7.84
C ARG A 17 -5.61 15.64 6.74
N ALA A 18 -4.95 16.32 5.81
CA ALA A 18 -5.67 17.00 4.73
C ALA A 18 -6.43 16.00 3.87
N ALA A 19 -5.80 14.87 3.53
CA ALA A 19 -6.47 13.88 2.71
C ALA A 19 -7.60 13.19 3.47
N ALA A 20 -7.38 12.85 4.74
CA ALA A 20 -8.39 12.11 5.50
C ALA A 20 -9.69 12.91 5.68
N GLU A 21 -9.58 14.23 5.81
CA GLU A 21 -10.77 15.07 5.93
C GLU A 21 -11.65 14.95 4.71
N LEU A 22 -11.04 14.85 3.52
CA LEU A 22 -11.80 14.62 2.29
C LEU A 22 -12.43 13.24 2.27
N GLY A 23 -11.98 12.32 3.12
CA GLY A 23 -12.50 10.97 3.15
C GLY A 23 -11.49 9.87 2.84
N VAL A 24 -10.22 10.19 2.62
CA VAL A 24 -9.23 9.15 2.35
C VAL A 24 -9.01 8.29 3.58
N THR A 25 -8.95 6.97 3.37
CA THR A 25 -8.80 6.01 4.45
C THR A 25 -7.57 5.11 4.33
N THR A 26 -6.89 5.10 3.18
CA THR A 26 -5.74 4.23 2.96
C THR A 26 -4.47 5.05 2.79
N VAL A 27 -3.45 4.72 3.58
CA VAL A 27 -2.13 5.33 3.49
C VAL A 27 -1.09 4.23 3.45
N ARG A 28 -0.20 4.30 2.46
CA ARG A 28 0.97 3.42 2.38
C ARG A 28 2.17 4.22 2.86
N LEU A 29 2.73 3.81 3.99
CA LEU A 29 3.70 4.60 4.73
C LEU A 29 5.06 3.90 4.72
N ASP A 30 6.10 4.66 4.35
CA ASP A 30 7.47 4.19 4.50
C ASP A 30 7.86 4.32 5.97
N ALA A 31 8.32 3.21 6.56
CA ALA A 31 8.65 3.18 7.98
C ALA A 31 10.12 2.87 8.20
N THR A 32 10.98 3.32 7.30
CA THR A 32 12.41 3.10 7.41
C THR A 32 13.13 4.16 8.23
N GLY A 33 12.56 5.36 8.34
CA GLY A 33 13.18 6.45 9.07
C GLY A 33 13.20 6.19 10.57
N PRO A 34 13.55 7.23 11.33
CA PRO A 34 13.59 7.08 12.80
C PRO A 34 12.21 6.77 13.35
N ILE A 35 12.20 6.06 14.48
CA ILE A 35 10.94 5.55 15.03
C ILE A 35 10.05 6.69 15.49
N GLU A 36 10.65 7.72 16.11
CA GLU A 36 9.86 8.80 16.71
C GLU A 36 8.98 9.49 15.68
N GLU A 37 9.55 9.83 14.51
CA GLU A 37 8.74 10.49 13.49
C GLU A 37 7.78 9.53 12.82
N THR A 38 8.16 8.25 12.70
CA THR A 38 7.24 7.27 12.11
C THR A 38 6.04 7.07 13.02
N VAL A 39 6.27 6.88 14.31
CA VAL A 39 5.17 6.69 15.25
C VAL A 39 4.28 7.93 15.28
N ALA A 40 4.89 9.11 15.24
CA ALA A 40 4.12 10.36 15.24
C ALA A 40 3.21 10.44 14.03
N ARG A 41 3.71 10.01 12.86
CA ARG A 41 2.87 10.00 11.67
C ARG A 41 1.71 9.02 11.80
N ILE A 42 1.98 7.83 12.34
CA ILE A 42 0.92 6.83 12.49
C ILE A 42 -0.18 7.34 13.42
N ARG A 43 0.20 8.00 14.52
CA ARG A 43 -0.79 8.54 15.46
C ARG A 43 -1.69 9.57 14.78
N ALA A 44 -1.09 10.46 13.98
CA ALA A 44 -1.88 11.44 13.24
C ALA A 44 -2.83 10.76 12.27
N ALA A 45 -2.38 9.69 11.62
CA ALA A 45 -3.26 8.94 10.73
C ALA A 45 -4.42 8.33 11.51
N ALA A 46 -4.15 7.81 12.71
CA ALA A 46 -5.21 7.26 13.55
C ALA A 46 -6.22 8.34 13.94
N GLU A 47 -5.72 9.52 14.31
CA GLU A 47 -6.64 10.60 14.69
C GLU A 47 -7.45 11.08 13.49
N ALA A 48 -6.85 11.09 12.30
CA ALA A 48 -7.51 11.64 11.12
C ALA A 48 -8.57 10.71 10.52
N GLY A 49 -8.60 9.45 10.91
CA GLY A 49 -9.53 8.51 10.34
C GLY A 49 -8.96 7.60 9.27
N ILE A 50 -7.68 7.27 9.34
CA ILE A 50 -7.06 6.34 8.41
C ILE A 50 -7.32 4.93 8.94
N THR A 51 -8.15 4.16 8.22
CA THR A 51 -8.54 2.82 8.65
C THR A 51 -7.70 1.71 8.03
N ASN A 52 -6.96 1.96 6.95
CA ASN A 52 -6.12 0.96 6.31
C ASN A 52 -4.72 1.52 6.15
N LEU A 53 -3.76 0.93 6.85
CA LEU A 53 -2.40 1.48 6.95
C LEU A 53 -1.41 0.39 6.55
N VAL A 54 -0.58 0.66 5.55
CA VAL A 54 0.40 -0.29 5.03
C VAL A 54 1.78 0.24 5.34
N LEU A 55 2.45 -0.36 6.32
CA LEU A 55 3.82 0.03 6.65
C LEU A 55 4.81 -0.69 5.75
N GLU A 56 5.85 0.04 5.35
CA GLU A 56 6.97 -0.52 4.58
C GLU A 56 8.25 -0.18 5.31
N PRO A 57 8.54 -0.86 6.42
CA PRO A 57 9.78 -0.60 7.15
C PRO A 57 10.95 -1.37 6.55
N GLY A 58 12.15 -1.05 7.05
CA GLY A 58 13.33 -1.79 6.69
C GLY A 58 13.49 -2.97 7.61
N PRO A 59 14.64 -3.08 8.26
CA PRO A 59 14.76 -4.02 9.38
C PRO A 59 13.73 -3.68 10.44
N LEU A 60 13.09 -4.71 10.99
CA LEU A 60 11.93 -4.51 11.86
C LEU A 60 12.02 -5.49 13.04
N ALA A 61 12.47 -4.99 14.18
CA ALA A 61 12.46 -5.77 15.40
C ALA A 61 11.05 -5.78 15.99
N LEU A 62 10.81 -6.73 16.91
CA LEU A 62 9.50 -6.84 17.54
C LEU A 62 9.18 -5.58 18.35
N ASP A 63 10.19 -4.89 18.86
CA ASP A 63 9.97 -3.63 19.55
C ASP A 63 9.32 -2.61 18.61
N GLU A 64 9.85 -2.48 17.40
CA GLU A 64 9.29 -1.57 16.41
C GLU A 64 7.85 -1.96 16.08
N LEU A 65 7.60 -3.27 15.92
CA LEU A 65 6.30 -3.74 15.51
C LEU A 65 5.22 -3.36 16.52
N LYS A 66 5.46 -3.62 17.81
CA LYS A 66 4.47 -3.28 18.82
C LYS A 66 4.27 -1.77 18.90
N ALA A 67 5.35 -0.99 18.75
CA ALA A 67 5.22 0.46 18.78
C ALA A 67 4.30 0.96 17.67
N TYR A 68 4.46 0.42 16.46
CA TYR A 68 3.59 0.80 15.35
C TYR A 68 2.15 0.38 15.59
N ARG A 69 1.95 -0.85 16.06
CA ARG A 69 0.60 -1.32 16.33
C ARG A 69 -0.09 -0.46 17.38
N ASP A 70 0.64 -0.10 18.44
CA ASP A 70 0.07 0.73 19.49
C ASP A 70 -0.16 2.16 19.05
N ALA A 71 0.52 2.62 17.99
CA ALA A 71 0.32 3.98 17.51
C ALA A 71 -1.03 4.16 16.83
N ALA A 72 -1.65 3.07 16.38
CA ALA A 72 -2.98 3.11 15.77
C ALA A 72 -3.65 1.78 15.95
N PRO A 73 -4.17 1.50 17.16
CA PRO A 73 -4.70 0.16 17.44
C PRO A 73 -6.00 -0.16 16.73
N ASP A 74 -6.73 0.84 16.24
CA ASP A 74 -8.02 0.61 15.61
C ASP A 74 -7.94 0.57 14.10
N THR A 75 -6.74 0.59 13.52
CA THR A 75 -6.56 0.57 12.08
C THR A 75 -6.19 -0.83 11.60
N PHE A 76 -6.44 -1.07 10.31
CA PHE A 76 -6.08 -2.33 9.68
C PHE A 76 -4.61 -2.26 9.28
N LEU A 77 -3.74 -2.72 10.17
CA LEU A 77 -2.30 -2.59 9.99
C LEU A 77 -1.78 -3.74 9.15
N THR A 78 -1.09 -3.40 8.07
CA THR A 78 -0.44 -4.37 7.20
C THR A 78 1.06 -4.09 7.19
N VAL A 79 1.85 -5.11 7.50
CA VAL A 79 3.30 -4.99 7.57
C VAL A 79 3.91 -5.62 6.34
N HIS A 80 4.58 -4.81 5.53
CA HIS A 80 5.22 -5.24 4.30
C HIS A 80 6.66 -5.64 4.60
N ILE A 81 7.06 -6.83 4.16
CA ILE A 81 8.37 -7.35 4.55
C ILE A 81 9.51 -6.76 3.71
N GLY A 82 9.24 -6.28 2.50
CA GLY A 82 10.28 -5.63 1.74
C GLY A 82 10.69 -6.34 0.47
N ASP A 83 11.90 -6.89 0.43
CA ASP A 83 12.47 -7.41 -0.80
C ASP A 83 12.68 -8.92 -0.77
N ASN A 84 13.36 -9.45 0.23
CA ASN A 84 13.79 -10.84 0.21
C ASN A 84 12.60 -11.78 0.19
N PRO A 85 12.45 -12.61 -0.84
CA PRO A 85 11.29 -13.52 -0.91
C PRO A 85 11.35 -14.66 0.09
N VAL A 86 12.49 -14.89 0.75
CA VAL A 86 12.55 -15.90 1.80
C VAL A 86 11.62 -15.48 2.94
N LEU A 87 10.88 -16.45 3.48
CA LEU A 87 9.90 -16.18 4.54
C LEU A 87 10.08 -17.23 5.64
N ASP A 88 10.95 -16.93 6.60
CA ASP A 88 11.15 -17.83 7.72
C ASP A 88 9.94 -17.82 8.65
N ASP A 89 9.71 -18.96 9.31
CA ASP A 89 8.58 -19.04 10.23
C ASP A 89 8.76 -18.15 11.45
N ALA A 90 9.96 -17.61 11.67
CA ALA A 90 10.21 -16.78 12.85
C ALA A 90 9.67 -15.37 12.67
N THR A 91 10.00 -14.73 11.54
CA THR A 91 9.51 -13.38 11.29
C THR A 91 8.00 -13.35 11.10
N ILE A 92 7.40 -14.46 10.69
CA ILE A 92 5.94 -14.53 10.65
C ILE A 92 5.37 -14.41 12.06
N ALA A 93 5.98 -15.10 13.02
CA ALA A 93 5.49 -15.05 14.40
C ALA A 93 5.58 -13.63 14.96
N ASP A 94 6.69 -12.94 14.68
CA ASP A 94 6.87 -11.59 15.23
C ASP A 94 5.80 -10.63 14.72
N ILE A 95 5.51 -10.67 13.41
CA ILE A 95 4.42 -9.88 12.86
C ILE A 95 3.10 -10.30 13.49
N LYS A 96 2.90 -11.62 13.65
CA LYS A 96 1.71 -12.12 14.32
C LYS A 96 1.67 -11.70 15.78
N ALA A 97 2.79 -11.83 16.48
CA ALA A 97 2.83 -11.53 17.91
C ALA A 97 2.52 -10.06 18.20
N ALA A 98 2.79 -9.17 17.24
CA ALA A 98 2.59 -7.74 17.45
C ALA A 98 1.16 -7.28 17.16
N GLY A 99 0.29 -8.15 16.67
CA GLY A 99 -1.08 -7.80 16.40
C GLY A 99 -1.34 -7.28 15.01
N ALA A 100 -0.41 -7.47 14.08
CA ALA A 100 -0.64 -7.05 12.70
C ALA A 100 -1.85 -7.78 12.12
N ASP A 101 -2.66 -7.05 11.37
CA ASP A 101 -3.84 -7.64 10.76
C ASP A 101 -3.53 -8.35 9.46
N ALA A 102 -2.34 -8.13 8.90
CA ALA A 102 -1.99 -8.72 7.62
C ALA A 102 -0.48 -8.55 7.41
N ILE A 103 0.04 -9.28 6.43
CA ILE A 103 1.45 -9.22 6.07
C ILE A 103 1.56 -9.01 4.57
N GLY A 104 2.58 -8.24 4.17
CA GLY A 104 2.82 -7.96 2.78
C GLY A 104 4.00 -8.77 2.28
N ILE A 105 3.77 -9.49 1.19
CA ILE A 105 4.73 -10.45 0.65
C ILE A 105 4.94 -10.16 -0.83
N PRO A 106 6.17 -9.95 -1.28
CA PRO A 106 6.44 -9.82 -2.72
C PRO A 106 6.27 -11.14 -3.44
N ALA A 107 6.02 -11.05 -4.75
CA ALA A 107 5.82 -12.21 -5.61
C ALA A 107 6.82 -12.13 -6.77
N LYS A 108 7.97 -12.79 -6.63
CA LYS A 108 8.92 -12.86 -7.73
C LYS A 108 8.52 -13.96 -8.71
N ASN A 109 8.45 -15.20 -8.23
CA ASN A 109 7.89 -16.31 -8.98
C ASN A 109 6.63 -16.81 -8.28
N ILE A 110 5.96 -17.78 -8.89
CA ILE A 110 4.71 -18.27 -8.30
C ILE A 110 4.96 -19.38 -7.28
N ASP A 111 6.03 -20.15 -7.44
CA ASP A 111 6.28 -21.24 -6.49
C ASP A 111 6.53 -20.71 -5.08
N ASP A 112 7.35 -19.67 -4.93
CA ASP A 112 7.53 -19.08 -3.61
C ASP A 112 6.31 -18.29 -3.16
N LEU A 113 5.52 -17.77 -4.09
CA LEU A 113 4.25 -17.14 -3.74
C LEU A 113 3.32 -18.16 -3.07
N ILE A 114 3.22 -19.36 -3.63
CA ILE A 114 2.35 -20.39 -3.05
C ILE A 114 2.87 -20.80 -1.68
N ALA A 115 4.18 -20.99 -1.56
CA ALA A 115 4.76 -21.41 -0.29
C ALA A 115 4.59 -20.35 0.79
N ASN A 116 4.84 -19.07 0.43
CA ASN A 116 4.68 -18.01 1.41
C ASN A 116 3.23 -17.84 1.81
N LEU A 117 2.31 -17.96 0.85
CA LEU A 117 0.89 -17.88 1.17
C LEU A 117 0.48 -19.01 2.10
N GLU A 118 0.99 -20.22 1.85
CA GLU A 118 0.73 -21.33 2.76
C GLU A 118 1.28 -21.05 4.16
N LYS A 119 2.52 -20.55 4.23
CA LYS A 119 3.14 -20.33 5.54
C LYS A 119 2.37 -19.28 6.34
N ALA A 120 2.05 -18.15 5.72
CA ALA A 120 1.44 -17.05 6.46
C ALA A 120 -0.01 -17.34 6.81
N LYS A 121 -0.76 -17.96 5.89
CA LYS A 121 -2.16 -18.28 6.17
C LYS A 121 -2.29 -19.40 7.19
N ALA A 122 -1.39 -20.39 7.14
CA ALA A 122 -1.41 -21.44 8.16
C ALA A 122 -1.19 -20.84 9.55
N ALA A 123 -0.39 -19.78 9.64
CA ALA A 123 -0.16 -19.06 10.89
C ALA A 123 -1.18 -17.94 11.13
N GLY A 124 -2.34 -18.00 10.48
CA GLY A 124 -3.45 -17.11 10.76
C GLY A 124 -3.32 -15.67 10.30
N LEU A 125 -2.39 -15.37 9.39
CA LEU A 125 -2.18 -14.02 8.88
C LEU A 125 -2.87 -13.85 7.53
N LYS A 126 -3.60 -12.75 7.38
CA LYS A 126 -4.02 -12.33 6.05
C LYS A 126 -2.81 -11.83 5.27
N VAL A 127 -2.85 -12.03 3.94
CA VAL A 127 -1.69 -11.79 3.10
C VAL A 127 -2.05 -10.80 2.01
N LEU A 128 -1.23 -9.77 1.86
CA LEU A 128 -1.34 -8.81 0.76
C LEU A 128 -0.17 -9.08 -0.18
N VAL A 129 -0.47 -9.52 -1.40
CA VAL A 129 0.54 -9.99 -2.34
C VAL A 129 0.89 -8.87 -3.30
N GLY A 130 2.18 -8.56 -3.41
CA GLY A 130 2.66 -7.49 -4.28
C GLY A 130 3.30 -8.07 -5.53
N LEU A 131 3.08 -7.39 -6.66
CA LEU A 131 3.59 -7.81 -7.95
C LEU A 131 4.54 -6.75 -8.50
N LEU A 132 5.72 -7.19 -8.93
CA LEU A 132 6.68 -6.32 -9.58
C LEU A 132 6.34 -6.17 -11.07
N PRO A 133 6.69 -5.03 -11.68
CA PRO A 133 6.34 -4.82 -13.10
C PRO A 133 7.01 -5.85 -14.00
N GLY A 134 6.28 -6.27 -15.03
CA GLY A 134 6.76 -7.27 -15.94
C GLY A 134 5.83 -7.46 -17.12
N PRO A 135 6.04 -8.53 -17.89
CA PRO A 135 5.20 -8.77 -19.06
C PRO A 135 3.74 -8.96 -18.68
N LYS A 136 2.85 -8.54 -19.60
CA LYS A 136 1.41 -8.54 -19.31
C LYS A 136 0.90 -9.94 -19.01
N GLU A 137 1.31 -10.94 -19.81
CA GLU A 137 0.80 -12.29 -19.58
C GLU A 137 1.31 -12.86 -18.26
N LEU A 138 2.57 -12.56 -17.91
CA LEU A 138 3.12 -13.06 -16.65
C LEU A 138 2.40 -12.46 -15.46
N VAL A 139 2.12 -11.15 -15.51
CA VAL A 139 1.44 -10.49 -14.40
C VAL A 139 0.05 -11.09 -14.21
N GLU A 140 -0.66 -11.34 -15.30
CA GLU A 140 -1.99 -11.94 -15.20
C GLU A 140 -1.93 -13.30 -14.54
N GLU A 141 -0.97 -14.14 -14.93
CA GLU A 141 -0.83 -15.46 -14.32
C GLU A 141 -0.55 -15.34 -12.83
N LYS A 142 0.30 -14.38 -12.44
CA LYS A 142 0.60 -14.16 -11.03
C LYS A 142 -0.62 -13.65 -10.26
N VAL A 143 -1.45 -12.81 -10.88
CA VAL A 143 -2.70 -12.40 -10.25
C VAL A 143 -3.59 -13.60 -10.02
N ARG A 144 -3.70 -14.48 -11.02
CA ARG A 144 -4.51 -15.68 -10.85
C ARG A 144 -3.93 -16.59 -9.79
N ALA A 145 -2.61 -16.75 -9.77
CA ALA A 145 -1.97 -17.59 -8.75
C ALA A 145 -2.21 -17.02 -7.37
N ALA A 146 -2.00 -15.71 -7.20
CA ALA A 146 -2.25 -15.10 -5.90
C ALA A 146 -3.70 -15.28 -5.49
N ALA A 147 -4.63 -15.05 -6.43
CA ALA A 147 -6.05 -15.18 -6.12
C ALA A 147 -6.39 -16.63 -5.74
N ALA A 148 -5.94 -17.60 -6.55
CA ALA A 148 -6.27 -18.99 -6.29
C ALA A 148 -5.61 -19.52 -5.03
N ALA A 149 -4.44 -19.01 -4.67
CA ALA A 149 -3.72 -19.51 -3.50
C ALA A 149 -4.12 -18.80 -2.21
N GLY A 150 -5.08 -17.89 -2.25
CA GLY A 150 -5.68 -17.34 -1.05
C GLY A 150 -5.24 -15.95 -0.63
N ALA A 151 -4.78 -15.11 -1.55
CA ALA A 151 -4.39 -13.76 -1.20
C ALA A 151 -5.62 -12.93 -0.81
N ALA A 152 -5.49 -12.14 0.26
CA ALA A 152 -6.57 -11.26 0.66
C ALA A 152 -6.63 -10.00 -0.20
N ALA A 153 -5.49 -9.50 -0.66
CA ALA A 153 -5.47 -8.30 -1.50
C ALA A 153 -4.21 -8.31 -2.35
N LEU A 154 -4.23 -7.48 -3.38
CA LEU A 154 -3.11 -7.34 -4.30
C LEU A 154 -2.51 -5.95 -4.20
N LEU A 155 -1.19 -5.88 -4.18
CA LEU A 155 -0.46 -4.62 -4.28
C LEU A 155 0.16 -4.57 -5.66
N LEU A 156 -0.14 -3.51 -6.40
CA LEU A 156 0.32 -3.38 -7.78
C LEU A 156 1.19 -2.14 -7.89
N ASP A 157 2.50 -2.36 -8.02
CA ASP A 157 3.44 -1.29 -8.35
C ASP A 157 3.78 -1.44 -9.83
N LEU A 158 2.84 -1.02 -10.68
CA LEU A 158 2.97 -1.18 -12.12
C LEU A 158 2.90 0.21 -12.76
N SER A 159 4.07 0.74 -13.16
CA SER A 159 4.10 2.04 -13.82
C SER A 159 3.52 1.97 -15.23
N ASP A 160 3.66 0.82 -15.89
CA ASP A 160 2.99 0.61 -17.18
C ASP A 160 1.49 0.56 -16.94
N LEU A 161 0.80 1.65 -17.27
CA LEU A 161 -0.62 1.74 -16.94
C LEU A 161 -1.41 0.62 -17.59
N GLU A 162 -1.14 0.35 -18.88
CA GLU A 162 -1.92 -0.66 -19.60
C GLU A 162 -1.78 -2.03 -18.97
N VAL A 163 -0.56 -2.40 -18.57
CA VAL A 163 -0.37 -3.65 -17.84
C VAL A 163 -1.14 -3.64 -16.52
N ALA A 164 -1.08 -2.51 -15.82
CA ALA A 164 -1.79 -2.38 -14.55
C ALA A 164 -3.30 -2.57 -14.73
N LYS A 165 -3.87 -1.99 -15.78
CA LYS A 165 -5.28 -2.21 -16.06
C LYS A 165 -5.58 -3.69 -16.27
N ALA A 166 -4.67 -4.41 -16.94
CA ALA A 166 -4.88 -5.84 -17.17
C ALA A 166 -4.92 -6.61 -15.86
N ALA A 167 -3.95 -6.36 -14.98
CA ALA A 167 -3.91 -7.05 -13.69
C ALA A 167 -5.13 -6.69 -12.84
N ILE A 168 -5.53 -5.42 -12.87
CA ILE A 168 -6.69 -4.97 -12.10
C ILE A 168 -7.97 -5.63 -12.62
N ARG A 169 -8.09 -5.76 -13.94
CA ARG A 169 -9.26 -6.41 -14.51
C ARG A 169 -9.31 -7.89 -14.14
N VAL A 170 -8.15 -8.56 -14.12
CA VAL A 170 -8.12 -9.96 -13.71
C VAL A 170 -8.49 -10.08 -12.23
N ALA A 171 -7.99 -9.16 -11.41
CA ALA A 171 -8.32 -9.19 -9.98
C ALA A 171 -9.81 -8.95 -9.76
N ASP A 172 -10.42 -8.05 -10.54
CA ASP A 172 -11.85 -7.81 -10.40
C ASP A 172 -12.66 -9.06 -10.70
N GLU A 173 -12.19 -9.88 -11.64
CA GLU A 173 -12.89 -11.13 -11.94
C GLU A 173 -12.95 -12.04 -10.72
N ALA A 174 -11.93 -12.02 -9.88
CA ALA A 174 -11.87 -12.84 -8.68
C ALA A 174 -12.34 -12.10 -7.43
N GLY A 175 -12.84 -10.88 -7.57
CA GLY A 175 -13.28 -10.13 -6.41
C GLY A 175 -12.17 -9.78 -5.45
N LEU A 176 -10.97 -9.51 -5.97
CA LEU A 176 -9.80 -9.21 -5.16
C LEU A 176 -9.63 -7.71 -5.01
N PRO A 177 -9.56 -7.19 -3.79
CA PRO A 177 -9.17 -5.80 -3.61
C PRO A 177 -7.76 -5.57 -4.15
N VAL A 178 -7.51 -4.35 -4.62
CA VAL A 178 -6.24 -3.97 -5.23
C VAL A 178 -5.80 -2.62 -4.67
N LEU A 179 -4.54 -2.53 -4.25
CA LEU A 179 -3.89 -1.26 -3.97
C LEU A 179 -2.92 -0.99 -5.10
N ALA A 180 -3.13 0.11 -5.83
CA ALA A 180 -2.38 0.38 -7.04
C ALA A 180 -1.61 1.67 -6.90
N GLY A 181 -0.39 1.70 -7.44
CA GLY A 181 0.43 2.89 -7.49
C GLY A 181 1.35 2.91 -8.69
N GLY A 182 2.45 3.66 -8.59
CA GLY A 182 3.47 3.62 -9.62
C GLY A 182 3.37 4.72 -10.67
N GLY A 183 4.33 5.65 -10.64
CA GLY A 183 4.38 6.71 -11.63
C GLY A 183 3.36 7.80 -11.46
N PHE A 184 2.69 7.89 -10.32
CA PHE A 184 1.63 8.87 -10.10
C PHE A 184 2.13 9.92 -9.12
N ASP A 185 2.86 10.90 -9.65
CA ASP A 185 3.17 12.13 -8.96
C ASP A 185 2.55 13.35 -9.62
N ASP A 186 2.04 13.20 -10.84
CA ASP A 186 1.34 14.28 -11.53
C ASP A 186 -0.13 14.27 -11.15
N VAL A 187 -0.69 15.46 -10.96
CA VAL A 187 -2.07 15.58 -10.51
C VAL A 187 -3.04 15.14 -11.61
N ASP A 188 -2.85 15.66 -12.82
CA ASP A 188 -3.82 15.43 -13.88
C ASP A 188 -3.81 13.97 -14.34
N SER A 189 -2.63 13.36 -14.43
CA SER A 189 -2.57 11.96 -14.84
C SER A 189 -3.23 11.06 -13.81
N PHE A 190 -3.12 11.42 -12.53
CA PHE A 190 -3.67 10.58 -11.46
C PHE A 190 -5.20 10.56 -11.51
N VAL A 191 -5.83 11.73 -11.63
CA VAL A 191 -7.28 11.80 -11.59
C VAL A 191 -7.90 11.09 -12.80
N ALA A 192 -7.24 11.18 -13.96
CA ALA A 192 -7.70 10.43 -15.13
C ALA A 192 -7.65 8.92 -14.86
N ALA A 193 -6.50 8.43 -14.38
CA ALA A 193 -6.36 7.00 -14.11
C ALA A 193 -7.27 6.55 -12.97
N ALA A 194 -7.57 7.45 -12.02
CA ALA A 194 -8.46 7.07 -10.92
C ALA A 194 -9.88 6.81 -11.42
N GLU A 195 -10.30 7.48 -12.48
CA GLU A 195 -11.61 7.16 -13.04
C GLU A 195 -11.59 5.83 -13.80
N GLU A 196 -10.48 5.52 -14.49
CA GLU A 196 -10.39 4.27 -15.24
C GLU A 196 -10.33 3.06 -14.31
N ILE A 197 -9.53 3.14 -13.24
CA ILE A 197 -9.39 2.01 -12.33
C ILE A 197 -10.73 1.66 -11.70
N ARG A 198 -11.52 2.69 -11.36
CA ARG A 198 -12.80 2.46 -10.71
C ARG A 198 -13.72 1.61 -11.58
N ALA A 199 -13.78 1.93 -12.87
CA ALA A 199 -14.60 1.15 -13.80
C ALA A 199 -14.09 -0.29 -13.91
N LEU A 200 -12.78 -0.48 -13.96
CA LEU A 200 -12.23 -1.82 -14.10
C LEU A 200 -12.48 -2.66 -12.85
N ASN A 201 -12.31 -2.07 -11.68
CA ASN A 201 -12.43 -2.83 -10.45
C ASN A 201 -12.94 -1.94 -9.33
N PRO A 202 -14.21 -2.07 -8.95
CA PRO A 202 -14.74 -1.21 -7.88
C PRO A 202 -14.00 -1.34 -6.55
N ARG A 203 -13.35 -2.49 -6.30
CA ARG A 203 -12.65 -2.75 -5.06
C ARG A 203 -11.20 -2.29 -5.09
N ALA A 204 -10.84 -1.41 -6.03
CA ALA A 204 -9.44 -1.06 -6.26
C ALA A 204 -9.19 0.37 -5.82
N THR A 205 -8.09 0.57 -5.08
CA THR A 205 -7.68 1.88 -4.58
C THR A 205 -6.40 2.31 -5.28
N LEU A 206 -6.40 3.53 -5.80
CA LEU A 206 -5.24 4.10 -6.47
C LEU A 206 -4.53 5.03 -5.50
N LEU A 207 -3.21 4.89 -5.40
CA LEU A 207 -2.41 5.65 -4.46
C LEU A 207 -1.71 6.80 -5.18
N LEU A 208 -1.87 8.01 -4.64
CA LEU A 208 -1.10 9.17 -5.07
C LEU A 208 0.23 9.22 -4.31
N GLU A 209 1.33 9.30 -5.06
CA GLU A 209 2.63 9.54 -4.44
C GLU A 209 2.64 10.96 -3.90
N ALA A 210 2.66 11.10 -2.57
CA ALA A 210 2.45 12.39 -1.91
C ALA A 210 3.72 12.96 -1.29
N ARG A 211 4.87 12.32 -1.50
CA ARG A 211 6.08 12.76 -0.81
C ARG A 211 6.53 14.13 -1.29
N GLY A 212 6.37 14.44 -2.57
CA GLY A 212 6.89 15.68 -3.12
C GLY A 212 5.85 16.72 -3.52
N LEU A 213 4.57 16.43 -3.33
CA LEU A 213 3.52 17.34 -3.71
C LEU A 213 3.13 18.25 -2.55
N ALA A 214 2.69 19.45 -2.88
CA ALA A 214 2.19 20.38 -1.87
C ALA A 214 0.85 19.88 -1.33
N THR A 215 0.56 20.26 -0.07
CA THR A 215 -0.68 19.83 0.56
C THR A 215 -1.89 20.31 -0.22
N ALA A 216 -1.84 21.55 -0.73
CA ALA A 216 -2.95 22.09 -1.51
C ALA A 216 -3.19 21.26 -2.78
N ASP A 217 -2.10 20.84 -3.45
CA ASP A 217 -2.25 20.03 -4.65
C ASP A 217 -2.77 18.63 -4.34
N ILE A 218 -2.39 18.07 -3.20
CA ILE A 218 -2.96 16.79 -2.79
C ILE A 218 -4.45 16.94 -2.58
N VAL A 219 -4.88 18.02 -1.91
CA VAL A 219 -6.30 18.26 -1.71
C VAL A 219 -7.01 18.41 -3.06
N ALA A 220 -6.38 19.12 -3.99
CA ALA A 220 -6.95 19.26 -5.33
C ALA A 220 -7.04 17.91 -6.03
N ALA A 221 -6.01 17.08 -5.90
CA ALA A 221 -6.04 15.76 -6.52
C ALA A 221 -7.12 14.88 -5.91
N MET A 222 -7.26 14.89 -4.58
CA MET A 222 -8.24 14.02 -3.94
C MET A 222 -9.66 14.52 -4.19
N GLU A 223 -9.86 15.84 -4.23
CA GLU A 223 -11.17 16.40 -4.49
C GLU A 223 -11.68 15.98 -5.87
N ARG A 224 -10.82 16.07 -6.88
CA ARG A 224 -11.24 15.79 -8.25
C ARG A 224 -11.49 14.30 -8.48
N ALA A 225 -10.82 13.43 -7.72
CA ALA A 225 -11.05 12.00 -7.89
C ALA A 225 -12.23 11.51 -7.07
N LEU A 226 -12.30 11.91 -5.80
CA LEU A 226 -13.41 11.48 -4.95
C LEU A 226 -14.74 12.01 -5.47
N GLU A 227 -14.77 13.28 -5.91
CA GLU A 227 -15.98 13.85 -6.48
C GLU A 227 -15.90 13.88 -8.00
#